data_4MEL
#
_entry.id   4MEL
#
_cell.length_a   27.725
_cell.length_b   131.982
_cell.length_c   72.029
_cell.angle_alpha   90.000
_cell.angle_beta   96.710
_cell.angle_gamma   90.000
#
_symmetry.space_group_name_H-M   'P 1 21 1'
#
loop_
_entity.id
_entity.type
_entity.pdbx_description
1 polymer 'Ubiquitin carboxyl-terminal hydrolase 11'
2 water water
#
_entity_poly.entity_id   1
_entity_poly.type   'polypeptide(L)'
_entity_poly.pdbx_seq_one_letter_code
;MDREPQHEELPGLDSQWRQIENGESGRERPLRAGESWFLVEKHWYKQWEAYVQGGDQDSSTFPGCINNATLFQDEINWRL
KEGLVEGEDYVLLPAAAWHYLVSWYGLEHGQPPIERKVIELPNIQKVEVYPVELLLVRHNDLGKSHTVQFSHTDSIGLVL
RTARERFLVEPQEDTRLWAKNSEGSLDRLYDTHITVLDAALETGQLIIMETRKKDGTWPSAQLEHHHHHH
;
_entity_poly.pdbx_strand_id   A,B
#
# COMPACT_ATOMS: atom_id res chain seq x y z
N LEU A 10 -21.12 12.65 36.12
CA LEU A 10 -20.17 12.05 35.18
C LEU A 10 -19.49 10.84 35.81
N PRO A 11 -19.08 9.87 34.97
CA PRO A 11 -18.40 8.66 35.46
C PRO A 11 -17.09 8.99 36.18
N GLY A 12 -16.53 7.99 36.86
CA GLY A 12 -15.26 8.17 37.55
C GLY A 12 -14.14 8.41 36.56
N LEU A 13 -13.01 8.92 37.06
CA LEU A 13 -11.89 9.23 36.19
C LEU A 13 -11.35 7.96 35.53
N ASP A 14 -11.20 6.90 36.32
CA ASP A 14 -10.72 5.63 35.79
C ASP A 14 -11.67 5.11 34.72
N SER A 15 -12.97 5.33 34.93
CA SER A 15 -13.99 4.91 33.98
C SER A 15 -13.83 5.63 32.64
N GLN A 16 -13.65 6.95 32.71
CA GLN A 16 -13.44 7.77 31.53
C GLN A 16 -12.18 7.32 30.79
N TRP A 17 -11.08 7.24 31.53
CA TRP A 17 -9.80 6.86 30.96
C TRP A 17 -9.84 5.51 30.27
N ARG A 18 -10.41 4.51 30.93
CA ARG A 18 -10.49 3.18 30.36
C ARG A 18 -11.45 3.15 29.18
N GLN A 19 -12.47 3.99 29.21
CA GLN A 19 -13.45 4.04 28.14
C GLN A 19 -12.86 4.70 26.89
N ILE A 20 -11.90 5.60 27.08
CA ILE A 20 -11.29 6.34 25.98
C ILE A 20 -10.04 5.65 25.41
N GLU A 21 -9.28 4.97 26.27
CA GLU A 21 -7.97 4.45 25.88
C GLU A 21 -7.91 2.95 25.62
N ASN A 22 -9.01 2.23 25.85
CA ASN A 22 -9.01 0.79 25.59
C ASN A 22 -9.04 0.47 24.10
N GLY A 23 -8.76 -0.79 23.77
CA GLY A 23 -8.85 -1.26 22.41
C GLY A 23 -10.25 -1.75 22.10
N GLU A 24 -10.70 -1.49 20.87
CA GLU A 24 -11.98 -1.97 20.35
C GLU A 24 -13.16 -1.24 21.00
N SER A 25 -12.84 -0.27 21.86
CA SER A 25 -13.86 0.55 22.50
C SER A 25 -13.35 1.97 22.70
N GLY A 26 -12.16 2.25 22.19
CA GLY A 26 -11.54 3.55 22.34
C GLY A 26 -10.42 3.82 21.34
N ARG A 27 -9.44 4.60 21.76
CA ARG A 27 -8.38 5.08 20.87
C ARG A 27 -7.63 3.98 20.13
N GLU A 28 -7.37 2.87 20.81
CA GLU A 28 -6.58 1.80 20.22
C GLU A 28 -7.44 0.86 19.41
N ARG A 29 -8.34 1.43 18.61
CA ARG A 29 -9.15 0.65 17.70
C ARG A 29 -8.46 0.58 16.35
N PRO A 30 -8.44 -0.60 15.73
CA PRO A 30 -7.83 -0.72 14.40
C PRO A 30 -8.64 0.06 13.36
N LEU A 31 -7.99 0.58 12.34
CA LEU A 31 -8.69 1.32 11.30
C LEU A 31 -9.46 0.35 10.39
N ARG A 32 -10.78 0.51 10.40
CA ARG A 32 -11.66 -0.32 9.57
C ARG A 32 -12.42 0.57 8.59
N ALA A 33 -12.57 0.09 7.37
CA ALA A 33 -13.20 0.88 6.32
C ALA A 33 -14.65 1.18 6.66
N GLY A 34 -15.03 2.44 6.54
CA GLY A 34 -16.39 2.86 6.79
C GLY A 34 -16.60 3.49 8.16
N GLU A 35 -15.72 3.16 9.10
CA GLU A 35 -15.84 3.67 10.45
C GLU A 35 -15.49 5.16 10.53
N SER A 36 -16.19 5.87 11.42
CA SER A 36 -16.00 7.31 11.56
C SER A 36 -15.09 7.65 12.74
N TRP A 37 -14.21 8.62 12.52
CA TRP A 37 -13.34 9.14 13.57
C TRP A 37 -13.51 10.64 13.70
N PHE A 38 -13.23 11.16 14.89
CA PHE A 38 -13.42 12.57 15.20
C PHE A 38 -12.12 13.20 15.69
N LEU A 39 -12.04 14.52 15.59
CA LEU A 39 -10.83 15.24 15.96
C LEU A 39 -10.98 16.01 17.26
N VAL A 40 -9.96 15.91 18.12
CA VAL A 40 -9.89 16.73 19.31
C VAL A 40 -8.58 17.52 19.30
N GLU A 41 -8.64 18.80 19.66
CA GLU A 41 -7.43 19.63 19.68
C GLU A 41 -6.44 19.08 20.71
N LYS A 42 -5.15 19.22 20.42
CA LYS A 42 -4.10 18.57 21.20
C LYS A 42 -4.04 19.01 22.66
N HIS A 43 -4.03 20.32 22.89
CA HIS A 43 -3.91 20.85 24.24
C HIS A 43 -5.09 20.48 25.13
N TRP A 44 -6.31 20.53 24.59
CA TRP A 44 -7.49 20.16 25.35
C TRP A 44 -7.41 18.71 25.78
N TYR A 45 -7.01 17.84 24.86
CA TYR A 45 -6.90 16.42 25.15
C TYR A 45 -5.83 16.15 26.19
N LYS A 46 -4.72 16.89 26.12
CA LYS A 46 -3.62 16.68 27.06
C LYS A 46 -4.03 17.18 28.44
N GLN A 47 -4.85 18.22 28.47
CA GLN A 47 -5.38 18.74 29.72
C GLN A 47 -6.35 17.75 30.33
N TRP A 48 -7.15 17.09 29.48
CA TRP A 48 -8.06 16.06 29.94
C TRP A 48 -7.28 14.88 30.52
N GLU A 49 -6.16 14.57 29.88
CA GLU A 49 -5.30 13.48 30.34
C GLU A 49 -4.69 13.81 31.70
N ALA A 50 -4.28 15.06 31.87
CA ALA A 50 -3.73 15.53 33.13
C ALA A 50 -4.79 15.48 34.24
N TYR A 51 -6.00 15.90 33.89
CA TYR A 51 -7.11 15.94 34.84
C TYR A 51 -7.50 14.55 35.31
N VAL A 52 -7.66 13.63 34.35
CA VAL A 52 -8.09 12.27 34.67
C VAL A 52 -7.00 11.53 35.42
N GLN A 53 -5.75 11.75 35.03
CA GLN A 53 -4.62 11.11 35.70
C GLN A 53 -4.15 11.91 36.93
N GLY A 54 -4.92 12.92 37.32
CA GLY A 54 -4.49 13.82 38.38
C GLY A 54 -4.82 13.35 39.79
N GLY A 55 -5.81 12.47 39.92
CA GLY A 55 -6.16 11.92 41.22
C GLY A 55 -7.16 12.75 41.99
N ASP A 56 -7.63 13.83 41.38
CA ASP A 56 -8.64 14.68 42.00
C ASP A 56 -9.70 15.05 40.97
N GLN A 57 -10.96 15.08 41.39
CA GLN A 57 -12.05 15.37 40.48
C GLN A 57 -12.37 16.87 40.47
N ASP A 58 -12.13 17.52 41.60
CA ASP A 58 -12.41 18.94 41.73
C ASP A 58 -11.15 19.78 41.55
N SER A 59 -10.19 19.23 40.81
CA SER A 59 -8.94 19.93 40.56
C SER A 59 -9.16 21.09 39.59
N SER A 60 -8.18 21.98 39.51
CA SER A 60 -8.27 23.14 38.63
C SER A 60 -7.89 22.78 37.20
N THR A 61 -7.46 21.54 37.00
CA THR A 61 -7.05 21.08 35.68
C THR A 61 -8.24 20.62 34.84
N PHE A 62 -9.43 21.00 35.28
CA PHE A 62 -10.67 20.64 34.57
C PHE A 62 -10.71 21.30 33.20
N PRO A 63 -10.77 20.48 32.14
CA PRO A 63 -10.73 20.95 30.74
C PRO A 63 -11.98 21.74 30.34
N GLY A 64 -13.13 21.38 30.90
CA GLY A 64 -14.37 22.05 30.57
C GLY A 64 -14.94 21.56 29.25
N CYS A 65 -15.59 22.45 28.51
CA CYS A 65 -16.14 22.11 27.21
C CYS A 65 -15.04 21.87 26.19
N ILE A 66 -15.29 20.97 25.25
CA ILE A 66 -14.34 20.67 24.19
C ILE A 66 -14.17 21.87 23.27
N ASN A 67 -12.93 22.26 23.02
CA ASN A 67 -12.66 23.43 22.20
C ASN A 67 -11.66 23.14 21.09
N ASN A 68 -12.14 23.19 19.85
CA ASN A 68 -11.29 22.96 18.69
C ASN A 68 -11.14 24.22 17.84
N ALA A 69 -11.05 25.37 18.50
CA ALA A 69 -11.03 26.65 17.80
C ALA A 69 -9.80 26.84 16.92
N THR A 70 -8.68 26.25 17.33
CA THR A 70 -7.43 26.41 16.61
C THR A 70 -7.31 25.40 15.47
N LEU A 71 -8.39 24.68 15.20
CA LEU A 71 -8.41 23.71 14.11
C LEU A 71 -9.19 24.24 12.91
N PHE A 72 -10.00 25.27 13.15
CA PHE A 72 -10.83 25.83 12.09
C PHE A 72 -10.14 27.02 11.44
N GLN A 73 -10.14 27.03 10.11
CA GLN A 73 -9.61 28.16 9.35
C GLN A 73 -10.56 29.34 9.48
N ASP A 74 -11.84 29.03 9.58
CA ASP A 74 -12.89 30.05 9.60
C ASP A 74 -13.84 29.81 10.77
N GLU A 75 -14.29 30.90 11.38
CA GLU A 75 -15.19 30.84 12.52
C GLU A 75 -16.64 30.88 12.04
N ILE A 76 -16.83 31.26 10.78
CA ILE A 76 -18.16 31.45 10.22
C ILE A 76 -18.65 30.23 9.44
N ASN A 77 -17.73 29.56 8.75
CA ASN A 77 -18.08 28.36 8.00
C ASN A 77 -17.59 27.09 8.67
N TRP A 78 -16.71 27.25 9.65
CA TRP A 78 -16.09 26.13 10.36
C TRP A 78 -15.41 25.19 9.37
N ARG A 79 -14.54 25.76 8.55
CA ARG A 79 -13.76 24.97 7.60
C ARG A 79 -12.46 24.58 8.26
N LEU A 80 -12.11 23.31 8.15
CA LEU A 80 -10.93 22.78 8.82
C LEU A 80 -9.64 23.37 8.25
N LYS A 81 -8.72 23.72 9.13
CA LYS A 81 -7.41 24.17 8.70
C LYS A 81 -6.68 23.06 7.97
N GLU A 82 -5.82 23.46 7.05
CA GLU A 82 -5.10 22.51 6.21
C GLU A 82 -3.66 22.38 6.69
N GLY A 83 -3.07 21.22 6.47
CA GLY A 83 -1.69 21.00 6.87
C GLY A 83 -1.59 20.50 8.30
N LEU A 84 -2.74 20.26 8.93
CA LEU A 84 -2.76 19.78 10.30
C LEU A 84 -2.34 18.32 10.36
N VAL A 85 -1.49 18.00 11.35
CA VAL A 85 -0.94 16.66 11.46
C VAL A 85 -1.47 15.95 12.69
N GLU A 86 -1.71 14.65 12.57
CA GLU A 86 -2.18 13.85 13.70
C GLU A 86 -1.06 13.73 14.72
N GLY A 87 -1.39 13.89 15.99
CA GLY A 87 -0.39 13.81 17.04
C GLY A 87 0.15 15.19 17.41
N GLU A 88 0.17 16.09 16.44
CA GLU A 88 0.68 17.44 16.65
C GLU A 88 -0.42 18.45 16.92
N ASP A 89 -1.39 18.50 16.02
CA ASP A 89 -2.46 19.49 16.11
C ASP A 89 -3.72 18.89 16.73
N TYR A 90 -4.03 17.65 16.34
CA TYR A 90 -5.23 16.98 16.83
C TYR A 90 -4.97 15.54 17.24
N VAL A 91 -6.03 14.88 17.70
CA VAL A 91 -6.01 13.49 18.14
C VAL A 91 -7.32 12.85 17.67
N LEU A 92 -7.24 11.64 17.14
CA LEU A 92 -8.41 10.96 16.61
C LEU A 92 -9.11 10.09 17.66
N LEU A 93 -10.43 10.15 17.65
CA LEU A 93 -11.25 9.38 18.58
C LEU A 93 -12.39 8.67 17.83
N PRO A 94 -12.59 7.37 18.09
CA PRO A 94 -13.68 6.65 17.44
C PRO A 94 -15.04 7.25 17.79
N ALA A 95 -16.07 6.91 17.01
CA ALA A 95 -17.41 7.47 17.18
C ALA A 95 -17.91 7.33 18.61
N ALA A 96 -17.75 6.13 19.17
CA ALA A 96 -18.18 5.86 20.53
C ALA A 96 -17.53 6.79 21.54
N ALA A 97 -16.20 6.75 21.63
CA ALA A 97 -15.44 7.58 22.58
C ALA A 97 -15.75 9.07 22.43
N TRP A 98 -15.93 9.51 21.19
CA TRP A 98 -16.27 10.90 20.91
C TRP A 98 -17.64 11.24 21.49
N HIS A 99 -18.60 10.37 21.20
CA HIS A 99 -19.96 10.54 21.70
C HIS A 99 -19.98 10.59 23.23
N TYR A 100 -19.22 9.70 23.86
CA TYR A 100 -19.07 9.72 25.31
C TYR A 100 -18.49 11.05 25.81
N LEU A 101 -17.40 11.50 25.22
CA LEU A 101 -16.82 12.79 25.59
C LEU A 101 -17.83 13.93 25.47
N VAL A 102 -18.63 13.90 24.41
CA VAL A 102 -19.62 14.95 24.17
C VAL A 102 -20.74 14.86 25.21
N SER A 103 -21.11 13.64 25.58
CA SER A 103 -22.14 13.44 26.60
C SER A 103 -21.65 13.89 27.97
N TRP A 104 -20.35 13.76 28.21
CA TRP A 104 -19.77 14.12 29.49
C TRP A 104 -19.45 15.61 29.60
N TYR A 105 -18.47 16.07 28.83
CA TYR A 105 -17.99 17.44 28.94
C TYR A 105 -18.78 18.40 28.05
N GLY A 106 -19.31 17.89 26.95
CA GLY A 106 -20.11 18.69 26.06
C GLY A 106 -19.28 19.42 25.03
N LEU A 107 -19.79 19.52 23.81
CA LEU A 107 -19.10 20.27 22.77
C LEU A 107 -19.39 21.76 22.97
N GLU A 108 -18.41 22.60 22.63
CA GLU A 108 -18.59 24.05 22.71
C GLU A 108 -19.73 24.49 21.80
N HIS A 109 -20.49 25.48 22.26
CA HIS A 109 -21.67 25.92 21.52
C HIS A 109 -21.28 26.67 20.25
N GLY A 110 -21.96 26.34 19.16
CA GLY A 110 -21.73 26.99 17.88
C GLY A 110 -20.79 26.18 17.01
N GLN A 111 -20.14 25.18 17.60
CA GLN A 111 -19.13 24.41 16.88
C GLN A 111 -19.74 23.10 16.39
N PRO A 112 -19.38 22.69 15.17
CA PRO A 112 -19.78 21.37 14.68
C PRO A 112 -18.74 20.31 15.01
N PRO A 113 -19.19 19.07 15.25
CA PRO A 113 -18.22 17.98 15.47
C PRO A 113 -17.38 17.79 14.22
N ILE A 114 -16.09 17.51 14.38
CA ILE A 114 -15.22 17.31 13.25
C ILE A 114 -15.14 15.82 12.93
N GLU A 115 -15.85 15.41 11.87
CA GLU A 115 -15.98 13.99 11.56
C GLU A 115 -15.39 13.63 10.22
N ARG A 116 -14.63 12.54 10.21
CA ARG A 116 -14.04 12.01 8.99
C ARG A 116 -14.23 10.49 8.96
N LYS A 117 -14.01 9.87 7.80
CA LYS A 117 -14.21 8.43 7.67
C LYS A 117 -12.97 7.73 7.13
N VAL A 118 -12.87 6.43 7.43
CA VAL A 118 -11.75 5.61 6.96
C VAL A 118 -12.00 5.07 5.56
N ILE A 119 -11.00 5.20 4.70
CA ILE A 119 -11.10 4.72 3.32
C ILE A 119 -9.97 3.72 3.03
N GLU A 120 -10.22 2.82 2.08
CA GLU A 120 -9.21 1.84 1.68
C GLU A 120 -8.37 2.33 0.49
N LEU A 121 -7.10 2.63 0.75
CA LEU A 121 -6.19 3.09 -0.29
C LEU A 121 -5.96 2.00 -1.33
N PRO A 122 -5.73 2.40 -2.59
CA PRO A 122 -5.48 1.47 -3.70
C PRO A 122 -4.27 0.55 -3.47
N ASN A 123 -4.33 -0.65 -4.03
CA ASN A 123 -3.28 -1.64 -3.87
C ASN A 123 -2.03 -1.34 -4.71
N ILE A 124 -0.93 -1.03 -4.03
CA ILE A 124 0.33 -0.75 -4.70
C ILE A 124 1.07 -2.03 -5.11
N GLN A 125 1.54 -2.08 -6.35
CA GLN A 125 2.29 -3.23 -6.84
C GLN A 125 3.77 -3.04 -6.56
N LYS A 126 4.47 -4.12 -6.22
CA LYS A 126 5.91 -4.04 -5.97
C LYS A 126 6.59 -5.39 -6.17
N VAL A 127 7.84 -5.35 -6.63
CA VAL A 127 8.62 -6.57 -6.79
C VAL A 127 9.19 -7.00 -5.45
N GLU A 128 8.79 -8.17 -4.98
CA GLU A 128 9.25 -8.69 -3.69
C GLU A 128 10.63 -9.30 -3.82
N VAL A 129 11.66 -8.50 -3.54
CA VAL A 129 13.04 -8.94 -3.65
C VAL A 129 13.41 -9.84 -2.47
N TYR A 130 12.80 -9.59 -1.31
CA TYR A 130 13.08 -10.39 -0.13
C TYR A 130 11.82 -11.13 0.35
N PRO A 131 11.62 -12.36 -0.14
CA PRO A 131 10.53 -13.25 0.27
C PRO A 131 10.70 -13.73 1.71
N VAL A 132 9.62 -14.23 2.30
CA VAL A 132 9.69 -14.76 3.65
C VAL A 132 10.28 -16.16 3.58
N GLU A 133 11.55 -16.31 3.94
CA GLU A 133 12.20 -17.60 3.92
C GLU A 133 11.92 -18.36 5.21
N LEU A 134 11.15 -19.43 5.11
CA LEU A 134 10.76 -20.19 6.29
C LEU A 134 11.33 -21.60 6.26
N LEU A 135 11.61 -22.16 7.43
CA LEU A 135 12.05 -23.53 7.54
C LEU A 135 10.91 -24.42 8.03
N LEU A 136 10.43 -25.27 7.14
CA LEU A 136 9.33 -26.17 7.45
C LEU A 136 9.83 -27.41 8.18
N VAL A 137 9.15 -27.75 9.27
CA VAL A 137 9.61 -28.80 10.17
C VAL A 137 8.44 -29.63 10.70
N ARG A 138 8.65 -30.95 10.81
CA ARG A 138 7.65 -31.83 11.40
C ARG A 138 7.89 -32.03 12.89
N HIS A 139 6.83 -32.34 13.61
CA HIS A 139 6.90 -32.56 15.06
C HIS A 139 7.81 -33.73 15.41
N ASN A 140 7.79 -34.77 14.58
CA ASN A 140 8.55 -35.98 14.84
C ASN A 140 10.05 -35.80 14.63
N ASP A 141 10.44 -34.93 13.70
CA ASP A 141 11.85 -34.70 13.43
C ASP A 141 12.15 -33.22 13.23
N LEU A 142 12.65 -32.57 14.27
CA LEU A 142 12.97 -31.13 14.19
C LEU A 142 14.33 -30.87 13.58
N GLY A 143 15.10 -31.93 13.34
CA GLY A 143 16.41 -31.79 12.73
C GLY A 143 16.28 -31.83 11.21
N LYS A 144 15.32 -32.61 10.74
CA LYS A 144 15.06 -32.74 9.31
C LYS A 144 14.11 -31.64 8.83
N SER A 145 14.65 -30.66 8.12
CA SER A 145 13.85 -29.49 7.73
C SER A 145 13.86 -29.23 6.22
N HIS A 146 12.88 -28.46 5.76
CA HIS A 146 12.82 -28.03 4.37
C HIS A 146 12.71 -26.50 4.26
N THR A 147 13.76 -25.87 3.75
CA THR A 147 13.77 -24.41 3.56
C THR A 147 12.98 -23.99 2.32
N VAL A 148 11.86 -23.30 2.55
CA VAL A 148 10.98 -22.87 1.46
C VAL A 148 10.70 -21.37 1.55
N GLN A 149 10.68 -20.71 0.39
CA GLN A 149 10.41 -19.27 0.31
C GLN A 149 8.94 -18.99 0.03
N PHE A 150 8.34 -18.14 0.85
CA PHE A 150 6.95 -17.73 0.66
C PHE A 150 6.89 -16.22 0.42
N SER A 151 5.75 -15.74 -0.05
CA SER A 151 5.53 -14.32 -0.23
C SER A 151 4.77 -13.76 0.96
N HIS A 152 4.95 -12.46 1.22
CA HIS A 152 4.25 -11.79 2.31
C HIS A 152 2.74 -11.82 2.09
N THR A 153 2.34 -11.99 0.83
CA THR A 153 0.93 -11.97 0.46
C THR A 153 0.35 -13.38 0.32
N ASP A 154 1.16 -14.39 0.67
CA ASP A 154 0.74 -15.78 0.57
C ASP A 154 -0.14 -16.16 1.75
N SER A 155 -1.12 -17.03 1.52
CA SER A 155 -2.03 -17.43 2.58
C SER A 155 -1.45 -18.58 3.39
N ILE A 156 -1.82 -18.65 4.67
CA ILE A 156 -1.29 -19.67 5.57
C ILE A 156 -1.74 -21.07 5.14
N GLY A 157 -2.92 -21.15 4.52
CA GLY A 157 -3.41 -22.43 4.02
C GLY A 157 -2.48 -22.96 2.95
N LEU A 158 -1.92 -22.04 2.17
CA LEU A 158 -0.96 -22.38 1.14
C LEU A 158 0.32 -22.91 1.78
N VAL A 159 0.69 -22.33 2.92
CA VAL A 159 1.87 -22.77 3.67
C VAL A 159 1.64 -24.16 4.23
N LEU A 160 0.41 -24.41 4.69
CA LEU A 160 0.02 -25.71 5.19
C LEU A 160 0.14 -26.76 4.09
N ARG A 161 -0.44 -26.46 2.92
CA ARG A 161 -0.37 -27.39 1.80
C ARG A 161 1.07 -27.58 1.34
N THR A 162 1.88 -26.52 1.45
CA THR A 162 3.27 -26.56 1.04
C THR A 162 4.08 -27.49 1.94
N ALA A 163 3.83 -27.39 3.24
CA ALA A 163 4.50 -28.26 4.20
C ALA A 163 4.03 -29.70 3.98
N ARG A 164 2.77 -29.84 3.63
CA ARG A 164 2.19 -31.15 3.34
C ARG A 164 2.85 -31.79 2.11
N GLU A 165 3.12 -30.96 1.10
CA GLU A 165 3.74 -31.41 -0.14
C GLU A 165 5.21 -31.76 0.06
N ARG A 166 5.93 -30.87 0.75
CA ARG A 166 7.37 -31.02 0.90
C ARG A 166 7.72 -32.17 1.82
N PHE A 167 6.82 -32.50 2.74
CA PHE A 167 7.05 -33.62 3.64
C PHE A 167 6.25 -34.84 3.21
N LEU A 168 5.54 -34.70 2.09
CA LEU A 168 4.86 -35.82 1.46
C LEU A 168 3.90 -36.57 2.39
N VAL A 169 3.03 -35.83 3.06
CA VAL A 169 2.11 -36.46 3.99
C VAL A 169 0.82 -36.89 3.27
N GLU A 170 0.34 -38.08 3.62
CA GLU A 170 -0.85 -38.63 3.01
C GLU A 170 -2.10 -37.89 3.49
N PRO A 171 -3.10 -37.74 2.61
CA PRO A 171 -4.32 -36.98 2.93
C PRO A 171 -5.12 -37.59 4.08
N GLN A 172 -4.93 -38.87 4.35
CA GLN A 172 -5.62 -39.53 5.45
C GLN A 172 -5.05 -39.06 6.78
N GLU A 173 -3.81 -38.57 6.74
CA GLU A 173 -3.14 -38.07 7.95
C GLU A 173 -3.68 -36.70 8.33
N ASP A 174 -3.59 -36.37 9.61
CA ASP A 174 -4.13 -35.10 10.10
C ASP A 174 -3.01 -34.15 10.54
N THR A 175 -3.01 -32.95 9.99
CA THR A 175 -1.94 -31.99 10.28
C THR A 175 -2.45 -30.67 10.82
N ARG A 176 -1.62 -30.04 11.64
CA ARG A 176 -1.89 -28.71 12.18
C ARG A 176 -0.63 -27.87 12.06
N LEU A 177 -0.79 -26.54 12.09
CA LEU A 177 0.37 -25.65 11.93
C LEU A 177 0.71 -24.87 13.19
N TRP A 178 1.99 -24.90 13.56
CA TRP A 178 2.50 -24.09 14.67
C TRP A 178 3.57 -23.12 14.17
N ALA A 179 3.63 -21.94 14.79
CA ALA A 179 4.65 -20.97 14.45
C ALA A 179 5.52 -20.60 15.65
N LYS A 180 6.82 -20.61 15.45
CA LYS A 180 7.78 -20.29 16.49
C LYS A 180 8.22 -18.83 16.38
N ASN A 181 7.42 -17.93 16.94
CA ASN A 181 7.73 -16.50 16.89
C ASN A 181 9.04 -16.19 17.59
N SER A 182 9.87 -15.37 16.95
CA SER A 182 11.21 -15.04 17.44
C SER A 182 11.99 -16.31 17.73
N GLU A 183 12.72 -16.32 18.84
CA GLU A 183 13.58 -17.44 19.20
C GLU A 183 13.16 -18.04 20.54
N GLY A 184 12.10 -18.86 20.51
CA GLY A 184 11.60 -19.52 21.69
C GLY A 184 10.09 -19.41 21.86
N SER A 185 9.54 -18.23 21.61
CA SER A 185 8.10 -18.03 21.76
C SER A 185 7.32 -18.84 20.74
N LEU A 186 6.23 -19.47 21.18
CA LEU A 186 5.39 -20.27 20.30
C LEU A 186 3.99 -19.69 20.15
N ASP A 187 3.38 -19.90 18.99
CA ASP A 187 2.02 -19.45 18.74
C ASP A 187 1.34 -20.35 17.70
N ARG A 188 0.16 -20.85 18.05
CA ARG A 188 -0.58 -21.77 17.21
C ARG A 188 -1.16 -21.08 15.98
N LEU A 189 -1.07 -21.75 14.83
CA LEU A 189 -1.60 -21.20 13.58
C LEU A 189 -2.85 -21.93 13.10
N TYR A 190 -3.98 -21.61 13.72
CA TYR A 190 -5.27 -22.20 13.40
C TYR A 190 -6.07 -21.49 12.29
N ASP A 191 -5.62 -20.31 11.88
CA ASP A 191 -6.33 -19.58 10.84
C ASP A 191 -5.71 -19.84 9.48
N THR A 192 -6.47 -20.49 8.60
CA THR A 192 -5.99 -20.85 7.27
C THR A 192 -6.49 -19.89 6.18
N HIS A 193 -6.95 -18.71 6.58
CA HIS A 193 -7.51 -17.75 5.64
C HIS A 193 -6.90 -16.36 5.78
N ILE A 194 -5.74 -16.29 6.43
CA ILE A 194 -5.01 -15.03 6.55
C ILE A 194 -3.66 -15.16 5.86
N THR A 195 -3.06 -14.01 5.52
CA THR A 195 -1.80 -13.98 4.80
C THR A 195 -0.58 -14.08 5.71
N VAL A 196 0.59 -14.31 5.11
CA VAL A 196 1.85 -14.41 5.85
C VAL A 196 2.17 -13.10 6.57
N LEU A 197 1.82 -11.97 5.95
CA LEU A 197 2.02 -10.68 6.59
C LEU A 197 1.12 -10.59 7.81
N ASP A 198 -0.08 -11.14 7.69
CA ASP A 198 -1.00 -11.28 8.81
C ASP A 198 -0.64 -12.50 9.66
N ALA A 199 0.63 -12.62 10.04
CA ALA A 199 1.10 -13.77 10.81
C ALA A 199 2.37 -13.44 11.57
N ALA A 200 2.96 -12.29 11.26
CA ALA A 200 4.17 -11.80 11.93
C ALA A 200 5.37 -12.71 11.70
N LEU A 201 5.35 -13.42 10.58
CA LEU A 201 6.44 -14.33 10.24
C LEU A 201 7.67 -13.56 9.75
N GLU A 202 8.85 -14.09 10.09
CA GLU A 202 10.11 -13.46 9.70
C GLU A 202 11.01 -14.49 9.04
N THR A 203 12.00 -14.02 8.29
CA THR A 203 12.95 -14.93 7.66
C THR A 203 13.79 -15.69 8.70
N GLY A 204 13.88 -17.00 8.52
CA GLY A 204 14.66 -17.82 9.44
C GLY A 204 13.82 -18.40 10.57
N GLN A 205 12.54 -18.04 10.59
CA GLN A 205 11.63 -18.54 11.62
C GLN A 205 11.28 -20.01 11.41
N LEU A 206 10.80 -20.64 12.48
CA LEU A 206 10.48 -22.06 12.46
C LEU A 206 8.97 -22.29 12.41
N ILE A 207 8.54 -23.15 11.49
CA ILE A 207 7.14 -23.55 11.41
C ILE A 207 7.01 -25.05 11.60
N ILE A 208 6.33 -25.45 12.69
CA ILE A 208 6.23 -26.86 13.04
C ILE A 208 4.90 -27.46 12.61
N MET A 209 4.96 -28.42 11.69
CA MET A 209 3.77 -29.13 11.25
C MET A 209 3.55 -30.37 12.12
N GLU A 210 2.37 -30.47 12.70
CA GLU A 210 2.06 -31.52 13.67
C GLU A 210 1.08 -32.56 13.14
N THR A 211 1.44 -33.83 13.24
CA THR A 211 0.60 -34.92 12.74
C THR A 211 0.05 -35.77 13.89
N ARG A 212 -1.25 -36.05 13.86
CA ARG A 212 -1.88 -36.83 14.92
C ARG A 212 -1.37 -38.27 14.92
N LYS A 213 -1.14 -38.80 16.11
CA LYS A 213 -0.65 -40.17 16.26
C LYS A 213 -1.76 -41.20 16.06
N LYS A 214 -1.38 -42.47 15.94
CA LYS A 214 -2.33 -43.55 15.76
C LYS A 214 -3.25 -43.72 16.98
N ASP A 215 -2.78 -43.21 18.12
CA ASP A 215 -3.55 -43.26 19.36
C ASP A 215 -4.76 -42.32 19.30
N GLY A 216 -4.78 -41.45 18.29
CA GLY A 216 -5.81 -40.44 18.18
C GLY A 216 -5.45 -39.19 18.96
N THR A 217 -4.21 -39.15 19.44
CA THR A 217 -3.74 -38.02 20.22
C THR A 217 -2.86 -37.08 19.41
N TRP A 218 -2.75 -35.85 19.88
CA TRP A 218 -1.84 -34.88 19.28
C TRP A 218 -0.64 -34.75 20.21
N PRO A 219 0.58 -34.81 19.65
CA PRO A 219 1.83 -34.82 20.41
C PRO A 219 1.93 -33.77 21.50
N SER A 220 1.24 -32.64 21.32
CA SER A 220 1.23 -31.57 22.32
C SER A 220 0.19 -31.82 23.41
N ALA A 221 -0.84 -32.58 23.04
CA ALA A 221 -1.98 -32.91 23.93
C ALA A 221 -1.89 -34.25 24.64
N GLN A 222 -0.83 -34.47 25.39
CA GLN A 222 -0.57 -35.78 26.02
C GLN A 222 -0.41 -36.84 24.94
N LEU B 10 25.45 -12.22 -33.06
CA LEU B 10 24.55 -11.43 -32.22
C LEU B 10 24.01 -10.22 -32.96
N PRO B 11 22.79 -9.77 -32.61
CA PRO B 11 22.16 -8.60 -33.22
C PRO B 11 22.98 -7.32 -33.04
N GLY B 12 22.59 -6.27 -33.75
CA GLY B 12 23.26 -4.99 -33.63
C GLY B 12 23.05 -4.38 -32.26
N LEU B 13 23.88 -3.38 -31.94
CA LEU B 13 23.82 -2.74 -30.64
C LEU B 13 22.50 -2.01 -30.41
N ASP B 14 22.07 -1.25 -31.43
CA ASP B 14 20.82 -0.50 -31.35
C ASP B 14 19.62 -1.40 -31.11
N SER B 15 19.66 -2.58 -31.73
CA SER B 15 18.60 -3.55 -31.60
C SER B 15 18.51 -4.00 -30.15
N GLN B 16 19.67 -4.29 -29.55
CA GLN B 16 19.74 -4.68 -28.14
C GLN B 16 19.26 -3.58 -27.20
N TRP B 17 19.81 -2.38 -27.33
CA TRP B 17 19.47 -1.26 -26.46
C TRP B 17 17.99 -0.94 -26.52
N ARG B 18 17.45 -0.88 -27.74
CA ARG B 18 16.03 -0.57 -27.92
C ARG B 18 15.20 -1.73 -27.38
N GLN B 19 15.75 -2.94 -27.45
CA GLN B 19 15.01 -4.10 -26.96
C GLN B 19 14.93 -4.14 -25.44
N ILE B 20 15.94 -3.62 -24.77
CA ILE B 20 16.00 -3.67 -23.32
C ILE B 20 15.36 -2.43 -22.68
N GLU B 21 15.44 -1.29 -23.36
CA GLU B 21 15.08 -0.03 -22.75
C GLU B 21 13.72 0.54 -23.15
N ASN B 22 13.03 -0.11 -24.09
CA ASN B 22 11.71 0.36 -24.50
C ASN B 22 10.66 0.09 -23.43
N GLY B 23 9.50 0.73 -23.58
CA GLY B 23 8.37 0.50 -22.70
C GLY B 23 7.54 -0.67 -23.19
N GLU B 24 7.02 -1.46 -22.25
CA GLU B 24 6.10 -2.56 -22.52
C GLU B 24 6.81 -3.73 -23.21
N SER B 25 8.12 -3.61 -23.40
CA SER B 25 8.91 -4.68 -23.99
C SER B 25 10.32 -4.71 -23.39
N GLY B 26 10.55 -3.89 -22.38
CA GLY B 26 11.85 -3.79 -21.75
C GLY B 26 11.80 -3.16 -20.38
N ARG B 27 12.85 -2.46 -19.98
CA ARG B 27 12.99 -1.94 -18.62
C ARG B 27 11.80 -1.10 -18.15
N GLU B 28 11.25 -0.30 -19.05
CA GLU B 28 10.19 0.63 -18.68
C GLU B 28 8.79 0.01 -18.72
N ARG B 29 8.66 -1.20 -18.17
CA ARG B 29 7.35 -1.84 -18.06
C ARG B 29 6.71 -1.52 -16.72
N PRO B 30 5.40 -1.25 -16.72
CA PRO B 30 4.67 -1.00 -15.48
C PRO B 30 4.62 -2.26 -14.62
N LEU B 31 4.56 -2.09 -13.30
CA LEU B 31 4.53 -3.24 -12.40
C LEU B 31 3.16 -3.92 -12.45
N ARG B 32 3.15 -5.17 -12.89
CA ARG B 32 1.92 -5.94 -12.97
C ARG B 32 2.01 -7.18 -12.09
N ALA B 33 0.93 -7.47 -11.36
CA ALA B 33 0.93 -8.57 -10.40
C ALA B 33 1.07 -9.93 -11.06
N GLY B 34 1.99 -10.74 -10.54
CA GLY B 34 2.19 -12.08 -11.03
C GLY B 34 3.36 -12.14 -12.00
N GLU B 35 3.68 -10.98 -12.58
CA GLU B 35 4.74 -10.90 -13.58
C GLU B 35 6.11 -11.09 -12.93
N SER B 36 7.01 -11.73 -13.65
CA SER B 36 8.33 -12.05 -13.11
C SER B 36 9.39 -11.06 -13.56
N TRP B 37 10.26 -10.70 -12.63
CA TRP B 37 11.39 -9.82 -12.91
C TRP B 37 12.69 -10.49 -12.47
N PHE B 38 13.79 -10.12 -13.09
CA PHE B 38 15.09 -10.71 -12.81
C PHE B 38 16.09 -9.65 -12.40
N LEU B 39 17.14 -10.06 -11.70
CA LEU B 39 18.14 -9.14 -11.21
C LEU B 39 19.42 -9.28 -12.01
N VAL B 40 20.01 -8.16 -12.39
CA VAL B 40 21.32 -8.15 -13.02
C VAL B 40 22.25 -7.26 -12.19
N GLU B 41 23.47 -7.72 -11.98
CA GLU B 41 24.42 -6.94 -11.20
C GLU B 41 24.68 -5.62 -11.91
N LYS B 42 24.86 -4.55 -11.13
CA LYS B 42 24.94 -3.20 -11.67
C LYS B 42 26.12 -2.99 -12.60
N HIS B 43 27.29 -3.45 -12.17
CA HIS B 43 28.53 -3.24 -12.89
C HIS B 43 28.48 -3.91 -14.27
N TRP B 44 27.94 -5.12 -14.32
CA TRP B 44 27.77 -5.83 -15.58
C TRP B 44 26.82 -5.07 -16.50
N TYR B 45 25.74 -4.55 -15.93
CA TYR B 45 24.75 -3.81 -16.71
C TYR B 45 25.35 -2.54 -17.30
N LYS B 46 26.20 -1.87 -16.51
CA LYS B 46 26.85 -0.65 -16.98
C LYS B 46 27.94 -0.96 -18.01
N GLN B 47 28.58 -2.12 -17.87
CA GLN B 47 29.56 -2.55 -18.86
C GLN B 47 28.87 -2.86 -20.19
N TRP B 48 27.72 -3.50 -20.08
CA TRP B 48 26.89 -3.81 -21.24
C TRP B 48 26.37 -2.53 -21.90
N GLU B 49 26.03 -1.56 -21.07
CA GLU B 49 25.55 -0.27 -21.56
C GLU B 49 26.67 0.46 -22.27
N ALA B 50 27.87 0.36 -21.73
CA ALA B 50 29.05 0.95 -22.35
C ALA B 50 29.33 0.29 -23.71
N TYR B 51 29.20 -1.03 -23.74
CA TYR B 51 29.46 -1.79 -24.97
C TYR B 51 28.44 -1.46 -26.06
N VAL B 52 27.17 -1.46 -25.69
CA VAL B 52 26.08 -1.22 -26.65
C VAL B 52 26.05 0.24 -27.11
N GLN B 53 26.28 1.16 -26.19
CA GLN B 53 26.33 2.58 -26.53
C GLN B 53 27.72 2.99 -26.98
N GLY B 54 28.60 2.01 -27.18
CA GLY B 54 29.99 2.28 -27.49
C GLY B 54 30.30 2.47 -28.97
N GLY B 55 29.45 1.95 -29.84
CA GLY B 55 29.62 2.14 -31.26
C GLY B 55 30.50 1.10 -31.96
N ASP B 56 30.96 0.11 -31.21
CA ASP B 56 31.78 -0.95 -31.80
C ASP B 56 31.35 -2.32 -31.25
N GLN B 57 31.31 -3.34 -32.10
CA GLN B 57 30.86 -4.66 -31.63
C GLN B 57 32.01 -5.57 -31.21
N ASP B 58 33.17 -5.43 -31.84
CA ASP B 58 34.30 -6.29 -31.53
C ASP B 58 35.29 -5.59 -30.61
N SER B 59 34.79 -4.63 -29.85
CA SER B 59 35.61 -3.87 -28.91
C SER B 59 36.01 -4.75 -27.72
N SER B 60 36.98 -4.27 -26.95
CA SER B 60 37.44 -5.01 -25.78
C SER B 60 36.50 -4.78 -24.60
N THR B 61 35.52 -3.91 -24.80
CA THR B 61 34.55 -3.58 -23.77
C THR B 61 33.40 -4.59 -23.75
N PHE B 62 33.60 -5.72 -24.41
CA PHE B 62 32.58 -6.77 -24.48
C PHE B 62 32.33 -7.36 -23.10
N PRO B 63 31.08 -7.25 -22.61
CA PRO B 63 30.71 -7.67 -21.25
C PRO B 63 30.81 -9.19 -21.04
N GLY B 64 30.50 -9.96 -22.07
CA GLY B 64 30.57 -11.41 -21.98
C GLY B 64 29.35 -12.00 -21.29
N CYS B 65 29.58 -13.10 -20.57
CA CYS B 65 28.50 -13.77 -19.83
C CYS B 65 28.04 -12.94 -18.64
N ILE B 66 26.74 -13.02 -18.33
CA ILE B 66 26.18 -12.32 -17.19
C ILE B 66 26.69 -12.92 -15.88
N ASN B 67 27.21 -12.06 -14.99
CA ASN B 67 27.77 -12.52 -13.73
C ASN B 67 27.21 -11.75 -12.54
N ASN B 68 26.45 -12.44 -11.70
CA ASN B 68 25.88 -11.84 -10.50
C ASN B 68 26.45 -12.46 -9.23
N ALA B 69 27.75 -12.76 -9.26
CA ALA B 69 28.41 -13.48 -8.16
C ALA B 69 28.45 -12.66 -6.88
N THR B 70 28.51 -11.34 -7.00
CA THR B 70 28.63 -10.48 -5.83
C THR B 70 27.27 -10.19 -5.20
N LEU B 71 26.24 -10.90 -5.67
CA LEU B 71 24.90 -10.75 -5.12
C LEU B 71 24.56 -11.92 -4.21
N PHE B 72 25.31 -13.01 -4.34
CA PHE B 72 25.07 -14.22 -3.55
C PHE B 72 25.95 -14.25 -2.29
N GLN B 73 25.35 -14.57 -1.16
CA GLN B 73 26.11 -14.76 0.07
C GLN B 73 26.89 -16.06 -0.02
N ASP B 74 26.27 -17.05 -0.66
CA ASP B 74 26.80 -18.40 -0.70
C ASP B 74 26.77 -18.95 -2.13
N GLU B 75 27.79 -19.73 -2.49
CA GLU B 75 27.90 -20.27 -3.85
C GLU B 75 27.24 -21.64 -4.00
N ILE B 76 26.96 -22.31 -2.89
CA ILE B 76 26.37 -23.64 -2.94
C ILE B 76 24.85 -23.60 -2.70
N ASN B 77 24.39 -22.64 -1.90
CA ASN B 77 22.96 -22.52 -1.63
C ASN B 77 22.31 -21.39 -2.41
N TRP B 78 23.14 -20.51 -2.96
CA TRP B 78 22.68 -19.37 -3.75
C TRP B 78 21.67 -18.49 -3.01
N ARG B 79 22.03 -18.04 -1.82
CA ARG B 79 21.16 -17.18 -1.03
C ARG B 79 21.47 -15.70 -1.31
N LEU B 80 20.41 -14.92 -1.52
CA LEU B 80 20.54 -13.50 -1.86
C LEU B 80 21.13 -12.69 -0.72
N LYS B 81 22.06 -11.80 -1.03
CA LYS B 81 22.58 -10.87 -0.05
C LYS B 81 21.48 -9.92 0.36
N GLU B 82 21.50 -9.47 1.61
CA GLU B 82 20.43 -8.61 2.11
C GLU B 82 20.87 -7.16 2.24
N GLY B 83 19.92 -6.25 2.10
CA GLY B 83 20.16 -4.83 2.22
C GLY B 83 20.59 -4.14 0.95
N LEU B 84 20.70 -4.90 -0.13
CA LEU B 84 21.07 -4.33 -1.43
C LEU B 84 19.88 -3.60 -2.04
N VAL B 85 20.15 -2.41 -2.60
CA VAL B 85 19.09 -1.57 -3.14
C VAL B 85 19.19 -1.46 -4.67
N GLU B 86 18.03 -1.35 -5.32
CA GLU B 86 17.96 -1.23 -6.78
C GLU B 86 18.56 0.09 -7.28
N GLY B 87 19.30 0.00 -8.38
CA GLY B 87 19.93 1.16 -8.99
C GLY B 87 21.36 1.34 -8.56
N GLU B 88 21.66 0.95 -7.33
CA GLU B 88 23.01 1.05 -6.78
C GLU B 88 23.72 -0.28 -6.89
N ASP B 89 23.07 -1.33 -6.40
CA ASP B 89 23.68 -2.65 -6.35
C ASP B 89 23.23 -3.53 -7.52
N TYR B 90 21.95 -3.47 -7.86
CA TYR B 90 21.43 -4.29 -8.95
C TYR B 90 20.49 -3.52 -9.88
N VAL B 91 19.96 -4.21 -10.88
CA VAL B 91 19.04 -3.66 -11.87
C VAL B 91 17.95 -4.68 -12.19
N LEU B 92 16.70 -4.23 -12.25
CA LEU B 92 15.59 -5.11 -12.54
C LEU B 92 15.28 -5.16 -14.03
N LEU B 93 15.03 -6.37 -14.53
CA LEU B 93 14.70 -6.58 -15.92
C LEU B 93 13.49 -7.49 -16.08
N PRO B 94 12.53 -7.10 -16.93
CA PRO B 94 11.38 -7.99 -17.14
C PRO B 94 11.81 -9.33 -17.73
N ALA B 95 10.95 -10.34 -17.65
CA ALA B 95 11.28 -11.69 -18.10
C ALA B 95 11.80 -11.71 -19.53
N ALA B 96 11.12 -10.98 -20.41
CA ALA B 96 11.49 -10.90 -21.82
C ALA B 96 12.93 -10.41 -22.02
N ALA B 97 13.20 -9.18 -21.57
CA ALA B 97 14.51 -8.57 -21.70
C ALA B 97 15.61 -9.46 -21.13
N TRP B 98 15.29 -10.12 -20.03
CA TRP B 98 16.22 -11.02 -19.37
C TRP B 98 16.55 -12.19 -20.28
N HIS B 99 15.49 -12.77 -20.85
CA HIS B 99 15.63 -13.89 -21.78
C HIS B 99 16.49 -13.50 -22.98
N TYR B 100 16.28 -12.29 -23.48
CA TYR B 100 17.09 -11.75 -24.56
C TYR B 100 18.56 -11.66 -24.16
N LEU B 101 18.82 -11.06 -23.01
CA LEU B 101 20.20 -10.97 -22.51
C LEU B 101 20.88 -12.33 -22.41
N VAL B 102 20.15 -13.32 -21.88
CA VAL B 102 20.71 -14.66 -21.73
C VAL B 102 20.92 -15.34 -23.08
N SER B 103 19.99 -15.13 -24.00
CA SER B 103 20.07 -15.73 -25.33
C SER B 103 21.24 -15.13 -26.12
N TRP B 104 21.54 -13.86 -25.85
CA TRP B 104 22.61 -13.17 -26.54
C TRP B 104 23.96 -13.44 -25.91
N TYR B 105 24.14 -12.94 -24.69
CA TYR B 105 25.42 -12.99 -24.00
C TYR B 105 25.64 -14.25 -23.17
N GLY B 106 24.54 -14.84 -22.69
CA GLY B 106 24.62 -16.06 -21.91
C GLY B 106 24.78 -15.85 -20.42
N LEU B 107 24.11 -16.70 -19.64
CA LEU B 107 24.21 -16.69 -18.20
C LEU B 107 25.51 -17.39 -17.78
N GLU B 108 26.03 -17.02 -16.61
CA GLU B 108 27.24 -17.65 -16.09
C GLU B 108 27.08 -19.16 -16.00
N HIS B 109 28.14 -19.89 -16.34
CA HIS B 109 28.10 -21.35 -16.42
C HIS B 109 28.08 -22.02 -15.05
N GLY B 110 27.91 -21.23 -14.01
CA GLY B 110 27.83 -21.77 -12.65
C GLY B 110 26.67 -21.17 -11.88
N GLN B 111 26.05 -20.14 -12.44
CA GLN B 111 25.02 -19.40 -11.74
C GLN B 111 23.58 -19.76 -12.11
N PRO B 112 22.69 -19.76 -11.12
CA PRO B 112 21.24 -19.86 -11.30
C PRO B 112 20.62 -18.47 -11.46
N PRO B 113 19.55 -18.35 -12.24
CA PRO B 113 18.88 -17.06 -12.41
C PRO B 113 18.28 -16.50 -11.12
N ILE B 114 18.39 -15.20 -10.92
CA ILE B 114 17.81 -14.54 -9.76
C ILE B 114 16.45 -13.96 -10.11
N GLU B 115 15.39 -14.64 -9.70
CA GLU B 115 14.04 -14.27 -10.11
C GLU B 115 13.17 -13.87 -8.92
N ARG B 116 12.44 -12.77 -9.07
CA ARG B 116 11.51 -12.33 -8.05
C ARG B 116 10.20 -11.93 -8.73
N LYS B 117 9.13 -11.77 -7.95
CA LYS B 117 7.83 -11.52 -8.54
C LYS B 117 7.15 -10.25 -8.01
N VAL B 118 6.25 -9.71 -8.82
CA VAL B 118 5.47 -8.53 -8.43
C VAL B 118 4.25 -8.97 -7.64
N ILE B 119 4.01 -8.33 -6.50
CA ILE B 119 2.85 -8.64 -5.68
C ILE B 119 2.00 -7.40 -5.45
N GLU B 120 0.71 -7.61 -5.24
CA GLU B 120 -0.19 -6.50 -4.93
C GLU B 120 -0.29 -6.37 -3.42
N LEU B 121 0.30 -5.29 -2.90
CA LEU B 121 0.31 -5.05 -1.46
C LEU B 121 -1.09 -4.86 -0.89
N PRO B 122 -1.28 -5.27 0.37
CA PRO B 122 -2.57 -5.14 1.07
C PRO B 122 -3.03 -3.68 1.14
N ASN B 123 -4.34 -3.48 1.16
CA ASN B 123 -4.90 -2.14 1.20
C ASN B 123 -4.67 -1.50 2.56
N ILE B 124 -3.88 -0.43 2.60
CA ILE B 124 -3.60 0.26 3.84
C ILE B 124 -4.79 1.16 4.20
N GLN B 125 -5.20 1.06 5.46
CA GLN B 125 -6.32 1.87 5.94
C GLN B 125 -5.82 3.21 6.46
N LYS B 126 -6.61 4.26 6.22
CA LYS B 126 -6.26 5.60 6.65
C LYS B 126 -7.51 6.46 6.81
N VAL B 127 -7.47 7.37 7.78
CA VAL B 127 -8.56 8.31 7.99
C VAL B 127 -8.45 9.46 7.00
N GLU B 128 -9.46 9.61 6.14
CA GLU B 128 -9.45 10.66 5.14
C GLU B 128 -9.81 11.99 5.78
N VAL B 129 -8.79 12.70 6.26
CA VAL B 129 -9.00 13.98 6.93
C VAL B 129 -9.22 15.10 5.92
N TYR B 130 -8.52 15.01 4.80
CA TYR B 130 -8.61 16.03 3.75
C TYR B 130 -9.05 15.44 2.41
N PRO B 131 -10.36 15.47 2.14
CA PRO B 131 -10.87 15.04 0.83
C PRO B 131 -10.39 15.97 -0.29
N VAL B 132 -10.46 15.49 -1.52
CA VAL B 132 -10.03 16.26 -2.68
C VAL B 132 -11.08 17.27 -3.16
N GLU B 133 -10.83 18.55 -2.91
CA GLU B 133 -11.72 19.61 -3.36
C GLU B 133 -11.39 19.99 -4.81
N LEU B 134 -12.32 19.71 -5.71
CA LEU B 134 -12.10 19.99 -7.12
C LEU B 134 -13.02 21.10 -7.62
N LEU B 135 -12.54 21.86 -8.60
CA LEU B 135 -13.33 22.91 -9.20
C LEU B 135 -13.84 22.48 -10.56
N LEU B 136 -15.15 22.24 -10.66
CA LEU B 136 -15.76 21.82 -11.91
C LEU B 136 -16.04 23.03 -12.79
N VAL B 137 -15.60 22.96 -14.03
CA VAL B 137 -15.62 24.10 -14.94
C VAL B 137 -15.95 23.66 -16.37
N ARG B 138 -16.73 24.47 -17.09
CA ARG B 138 -17.03 24.16 -18.47
C ARG B 138 -16.04 24.85 -19.42
N HIS B 139 -15.85 24.26 -20.59
CA HIS B 139 -14.83 24.71 -21.54
CA HIS B 139 -14.82 24.71 -21.53
C HIS B 139 -14.99 26.16 -21.97
N ASN B 140 -16.22 26.60 -22.16
CA ASN B 140 -16.49 27.95 -22.67
C ASN B 140 -16.20 29.04 -21.65
N ASP B 141 -16.37 28.71 -20.38
CA ASP B 141 -16.19 29.69 -19.30
C ASP B 141 -15.37 29.07 -18.18
N LEU B 142 -14.10 29.42 -18.13
CA LEU B 142 -13.18 28.86 -17.15
C LEU B 142 -13.30 29.57 -15.79
N GLY B 143 -14.11 30.63 -15.76
CA GLY B 143 -14.32 31.39 -14.55
C GLY B 143 -15.47 30.91 -13.67
N LYS B 144 -16.50 30.36 -14.29
CA LYS B 144 -17.66 29.86 -13.55
C LYS B 144 -17.40 28.44 -13.06
N SER B 145 -17.19 28.29 -11.76
CA SER B 145 -16.77 27.01 -11.19
C SER B 145 -17.69 26.47 -10.10
N HIS B 146 -17.56 25.18 -9.85
CA HIS B 146 -18.24 24.52 -8.75
C HIS B 146 -17.23 23.82 -7.85
N THR B 147 -17.06 24.34 -6.64
CA THR B 147 -16.16 23.69 -5.70
C THR B 147 -16.92 22.51 -5.09
N VAL B 148 -16.48 21.30 -5.43
CA VAL B 148 -17.14 20.09 -4.98
C VAL B 148 -16.11 19.18 -4.30
N GLN B 149 -16.51 18.56 -3.20
CA GLN B 149 -15.61 17.69 -2.45
C GLN B 149 -15.76 16.24 -2.86
N PHE B 150 -14.64 15.61 -3.22
CA PHE B 150 -14.61 14.20 -3.58
C PHE B 150 -13.70 13.41 -2.65
N SER B 151 -13.81 12.09 -2.70
CA SER B 151 -12.92 11.22 -1.94
C SER B 151 -11.78 10.73 -2.81
N HIS B 152 -10.66 10.37 -2.17
CA HIS B 152 -9.50 9.86 -2.89
C HIS B 152 -9.81 8.53 -3.58
N THR B 153 -10.84 7.84 -3.10
CA THR B 153 -11.19 6.53 -3.63
C THR B 153 -12.31 6.59 -4.66
N ASP B 154 -12.73 7.82 -5.01
CA ASP B 154 -13.82 8.01 -5.95
C ASP B 154 -13.38 7.89 -7.40
N SER B 155 -14.28 7.35 -8.23
CA SER B 155 -14.03 7.14 -9.65
C SER B 155 -14.41 8.39 -10.45
N ILE B 156 -13.79 8.53 -11.63
CA ILE B 156 -13.99 9.71 -12.48
C ILE B 156 -15.44 9.85 -12.95
N GLY B 157 -16.15 8.73 -13.04
CA GLY B 157 -17.55 8.74 -13.43
C GLY B 157 -18.42 9.56 -12.50
N LEU B 158 -18.10 9.52 -11.21
CA LEU B 158 -18.84 10.29 -10.22
C LEU B 158 -18.65 11.79 -10.46
N VAL B 159 -17.44 12.17 -10.84
CA VAL B 159 -17.13 13.56 -11.16
C VAL B 159 -17.84 13.98 -12.44
N LEU B 160 -17.89 13.08 -13.42
CA LEU B 160 -18.58 13.33 -14.67
C LEU B 160 -20.08 13.57 -14.46
N ARG B 161 -20.73 12.67 -13.74
CA ARG B 161 -22.14 12.80 -13.45
C ARG B 161 -22.44 14.01 -12.55
N THR B 162 -21.49 14.33 -11.67
CA THR B 162 -21.65 15.48 -10.79
C THR B 162 -21.60 16.77 -11.61
N ALA B 163 -20.67 16.83 -12.56
CA ALA B 163 -20.54 17.98 -13.44
C ALA B 163 -21.74 18.11 -14.39
N ARG B 164 -22.22 16.98 -14.90
CA ARG B 164 -23.39 16.99 -15.77
C ARG B 164 -24.64 17.45 -15.03
N GLU B 165 -24.78 17.02 -13.78
CA GLU B 165 -25.94 17.40 -12.99
C GLU B 165 -25.87 18.86 -12.60
N ARG B 166 -24.70 19.29 -12.16
CA ARG B 166 -24.50 20.64 -11.63
C ARG B 166 -24.57 21.73 -12.70
N PHE B 167 -24.24 21.37 -13.95
CA PHE B 167 -24.28 22.33 -15.05
C PHE B 167 -25.54 22.16 -15.89
N LEU B 168 -26.41 21.25 -15.45
CA LEU B 168 -27.71 21.02 -16.07
C LEU B 168 -27.60 20.67 -17.54
N VAL B 169 -26.70 19.74 -17.86
CA VAL B 169 -26.51 19.32 -19.25
C VAL B 169 -27.43 18.14 -19.55
N GLU B 170 -28.04 18.15 -20.73
CA GLU B 170 -28.93 17.09 -21.15
C GLU B 170 -28.14 15.82 -21.47
N PRO B 171 -28.73 14.65 -21.20
CA PRO B 171 -28.07 13.36 -21.43
C PRO B 171 -27.74 13.11 -22.91
N GLN B 172 -28.43 13.85 -23.78
CA GLN B 172 -28.19 13.76 -25.22
C GLN B 172 -26.85 14.35 -25.62
N GLU B 173 -26.33 15.25 -24.79
CA GLU B 173 -25.05 15.90 -25.07
C GLU B 173 -23.87 14.99 -24.76
N ASP B 174 -22.76 15.23 -25.44
CA ASP B 174 -21.56 14.40 -25.30
C ASP B 174 -20.44 15.17 -24.61
N THR B 175 -19.89 14.58 -23.55
CA THR B 175 -18.90 15.26 -22.73
C THR B 175 -17.57 14.51 -22.55
N ARG B 176 -16.51 15.27 -22.34
CA ARG B 176 -15.19 14.74 -22.02
C ARG B 176 -14.61 15.48 -20.83
N LEU B 177 -13.68 14.85 -20.12
CA LEU B 177 -13.06 15.47 -18.97
C LEU B 177 -11.57 15.75 -19.16
N TRP B 178 -11.19 16.98 -18.84
CA TRP B 178 -9.79 17.40 -18.81
C TRP B 178 -9.43 17.78 -17.38
N ALA B 179 -8.18 17.53 -17.01
CA ALA B 179 -7.68 17.92 -15.70
C ALA B 179 -6.50 18.83 -15.88
N LYS B 180 -6.46 19.92 -15.13
CA LYS B 180 -5.38 20.88 -15.26
C LYS B 180 -4.29 20.55 -14.25
N ASN B 181 -3.45 19.58 -14.63
CA ASN B 181 -2.34 19.13 -13.79
C ASN B 181 -1.32 20.22 -13.58
N SER B 182 -0.84 20.33 -12.33
CA SER B 182 0.09 21.39 -11.94
C SER B 182 -0.46 22.77 -12.29
N GLU B 183 0.42 23.65 -12.78
CA GLU B 183 0.04 25.03 -13.04
C GLU B 183 0.20 25.39 -14.51
N GLY B 184 -0.72 24.92 -15.35
CA GLY B 184 -0.64 25.21 -16.77
C GLY B 184 -0.79 23.96 -17.61
N SER B 185 -0.15 22.89 -17.15
CA SER B 185 -0.14 21.62 -17.86
C SER B 185 -1.54 21.01 -17.96
N LEU B 186 -1.83 20.41 -19.11
CA LEU B 186 -3.14 19.82 -19.35
C LEU B 186 -3.03 18.31 -19.39
N ASP B 187 -4.09 17.61 -19.00
CA ASP B 187 -4.07 16.15 -19.01
C ASP B 187 -5.46 15.58 -19.27
N ARG B 188 -5.57 14.76 -20.31
CA ARG B 188 -6.83 14.17 -20.71
C ARG B 188 -7.26 13.05 -19.75
N LEU B 189 -8.54 13.02 -19.40
CA LEU B 189 -9.07 11.96 -18.54
C LEU B 189 -9.97 11.03 -19.34
N TYR B 190 -9.36 10.10 -20.07
CA TYR B 190 -10.10 9.19 -20.92
C TYR B 190 -10.58 7.94 -20.19
N ASP B 191 -10.02 7.68 -19.02
CA ASP B 191 -10.42 6.51 -18.24
C ASP B 191 -11.40 6.89 -17.12
N THR B 192 -12.62 6.40 -17.22
CA THR B 192 -13.65 6.68 -16.22
C THR B 192 -13.78 5.49 -15.26
N HIS B 193 -12.74 4.67 -15.22
CA HIS B 193 -12.78 3.44 -14.43
C HIS B 193 -11.60 3.38 -13.46
N ILE B 194 -10.97 4.53 -13.25
CA ILE B 194 -9.89 4.65 -12.29
C ILE B 194 -10.27 5.66 -11.22
N THR B 195 -9.59 5.59 -10.07
CA THR B 195 -9.90 6.49 -8.97
C THR B 195 -9.17 7.82 -9.08
N VAL B 196 -9.60 8.78 -8.27
CA VAL B 196 -9.02 10.11 -8.24
C VAL B 196 -7.55 10.05 -7.83
N LEU B 197 -7.23 9.15 -6.90
CA LEU B 197 -5.86 8.97 -6.45
C LEU B 197 -4.97 8.41 -7.56
N ASP B 198 -5.55 7.58 -8.41
CA ASP B 198 -4.82 7.08 -9.59
C ASP B 198 -4.75 8.17 -10.65
N ALA B 199 -5.64 9.14 -10.56
CA ALA B 199 -5.70 10.23 -11.51
C ALA B 199 -4.73 11.34 -11.11
N ALA B 200 -4.16 11.20 -9.91
CA ALA B 200 -3.17 12.14 -9.37
C ALA B 200 -3.77 13.53 -9.16
N LEU B 201 -5.08 13.58 -8.97
CA LEU B 201 -5.78 14.84 -8.73
C LEU B 201 -5.55 15.34 -7.31
N GLU B 202 -5.52 16.66 -7.15
CA GLU B 202 -5.33 17.29 -5.85
C GLU B 202 -6.41 18.33 -5.57
N THR B 203 -6.55 18.68 -4.30
CA THR B 203 -7.51 19.70 -3.90
C THR B 203 -7.14 21.05 -4.49
N GLY B 204 -8.12 21.72 -5.09
CA GLY B 204 -7.91 23.02 -5.68
C GLY B 204 -7.59 22.95 -7.17
N GLN B 205 -7.52 21.75 -7.71
CA GLN B 205 -7.25 21.57 -9.13
C GLN B 205 -8.46 21.93 -9.98
N LEU B 206 -8.22 22.18 -11.26
CA LEU B 206 -9.28 22.57 -12.16
C LEU B 206 -9.69 21.39 -13.03
N ILE B 207 -10.99 21.16 -13.12
CA ILE B 207 -11.52 20.10 -13.96
C ILE B 207 -12.42 20.68 -15.04
N ILE B 208 -12.00 20.55 -16.29
CA ILE B 208 -12.71 21.14 -17.41
C ILE B 208 -13.59 20.13 -18.14
N MET B 209 -14.90 20.37 -18.10
CA MET B 209 -15.84 19.53 -18.82
C MET B 209 -16.09 20.12 -20.21
N GLU B 210 -15.82 19.33 -21.24
CA GLU B 210 -15.92 19.79 -22.62
C GLU B 210 -17.10 19.12 -23.30
N THR B 211 -17.96 19.90 -23.94
CA THR B 211 -19.16 19.35 -24.56
C THR B 211 -19.07 19.42 -26.08
N ARG B 212 -19.41 18.32 -26.74
CA ARG B 212 -19.33 18.24 -28.18
C ARG B 212 -20.30 19.22 -28.83
N LYS B 213 -19.84 19.88 -29.90
CA LYS B 213 -20.69 20.83 -30.61
C LYS B 213 -21.66 20.09 -31.52
N LYS B 214 -22.65 20.80 -32.04
CA LYS B 214 -23.66 20.21 -32.92
C LYS B 214 -23.05 19.73 -34.23
N ASP B 215 -21.88 20.27 -34.57
CA ASP B 215 -21.17 19.87 -35.78
C ASP B 215 -20.61 18.46 -35.66
N GLY B 216 -20.61 17.93 -34.44
CA GLY B 216 -20.00 16.64 -34.15
C GLY B 216 -18.53 16.82 -33.85
N THR B 217 -18.11 18.08 -33.74
CA THR B 217 -16.72 18.42 -33.46
C THR B 217 -16.56 18.83 -32.01
N TRP B 218 -15.33 18.77 -31.51
CA TRP B 218 -15.03 19.16 -30.14
C TRP B 218 -14.35 20.52 -30.05
N PRO B 219 -14.87 21.38 -29.15
CA PRO B 219 -14.47 22.78 -28.92
C PRO B 219 -12.96 23.03 -28.79
N SER B 220 -12.20 22.04 -28.33
CA SER B 220 -10.76 22.20 -28.17
C SER B 220 -10.02 21.94 -29.49
N ALA B 221 -10.62 21.11 -30.33
CA ALA B 221 -10.04 20.75 -31.62
C ALA B 221 -10.62 21.61 -32.73
N GLN B 222 -10.59 22.93 -32.58
CA GLN B 222 -11.29 23.78 -33.51
C GLN B 222 -10.50 25.03 -33.91
#